data_6VTA
#
_entry.id   6VTA
#
_cell.length_a   93.367
_cell.length_b   58.928
_cell.length_c   83.203
_cell.angle_alpha   90.00
_cell.angle_beta   115.95
_cell.angle_gamma   90.00
#
_symmetry.space_group_name_H-M   'C 1 2 1'
#
loop_
_entity.id
_entity.type
_entity.pdbx_description
1 polymer "Aminoglycoside 2'-N-acetyltransferase"
2 non-polymer 'ACETYL COENZYME *A'
3 non-polymer '(2S)-N-[(1R,2S,3S,4R,5S)-4-[(2R,3R,4S,5S,6R)-6-(aminomethyl)-3,4,5-tris(oxidanyl)oxan-2-yl]oxy-5-azanyl-2-[(2S,3R,4S,5S ,6R)-4-azanyl-6-(hydroxymethyl)-3,5-bis(oxidanyl)oxan-2-yl]oxy-3-oxidanyl-cyclohexyl]-4-azanyl-2-oxidanyl-butanamide'
4 water water
#
_entity_poly.entity_id   1
_entity_poly.type   'polypeptide(L)'
_entity_poly.pdbx_seq_one_letter_code
;GSHMGIEYRSLHTSQLTLSEKEALYDLLIEGFEGDFSHDDFAHTLGGMHVMAFDQQKLVGHVAIIQRHMALDNTPISVGY
VEAMVVEQSYRRQGIGRQLMLQTNKIIASCYQLGLLSASDDGQKLYHSVGWQIWKGKLFELKQGSYIRSIEEEGGVMGWK
ADGEVDFTASLYCDFRGGDQW
;
_entity_poly.pdbx_strand_id   A,B
#
loop_
_chem_comp.id
_chem_comp.type
_chem_comp.name
_chem_comp.formula
ACO non-polymer 'ACETYL COENZYME *A' 'C23 H38 N7 O17 P3 S'
AKN non-polymer '(2S)-N-[(1R,2S,3S,4R,5S)-4-[(2R,3R,4S,5S,6R)-6-(aminomethyl)-3,4,5-tris(oxidanyl)oxan-2-yl]oxy-5-azanyl-2-[(2S,3R,4S,5S ,6R)-4-azanyl-6-(hydroxymethyl)-3,5-bis(oxidanyl)oxan-2-yl]oxy-3-oxidanyl-cyclohexyl]-4-azanyl-2-oxidanyl-butanamide' 'C22 H43 N5 O13'
#
# COMPACT_ATOMS: atom_id res chain seq x y z
N GLY A 1 -16.31 10.61 10.55
CA GLY A 1 -17.42 11.01 11.40
C GLY A 1 -17.02 11.13 12.85
N SER A 2 -17.96 11.52 13.70
CA SER A 2 -17.71 11.64 15.12
C SER A 2 -18.57 10.63 15.87
N HIS A 3 -17.99 9.98 16.86
CA HIS A 3 -18.70 9.02 17.69
C HIS A 3 -18.36 9.29 19.14
N MET A 4 -19.41 9.49 19.96
CA MET A 4 -19.29 9.85 21.37
C MET A 4 -18.20 10.90 21.60
N GLY A 5 -18.26 11.95 20.79
CA GLY A 5 -17.40 13.11 21.01
C GLY A 5 -16.00 13.00 20.46
N ILE A 6 -15.67 11.93 19.75
CA ILE A 6 -14.36 11.73 19.17
C ILE A 6 -14.51 11.79 17.66
N GLU A 7 -13.72 12.63 17.02
CA GLU A 7 -13.74 12.75 15.56
C GLU A 7 -12.77 11.75 14.95
N TYR A 8 -13.23 11.03 13.94
CA TYR A 8 -12.40 10.05 13.23
C TYR A 8 -12.18 10.54 11.80
N ARG A 9 -10.92 10.58 11.39
CA ARG A 9 -10.57 10.94 10.02
C ARG A 9 -9.70 9.85 9.40
N SER A 10 -9.90 9.61 8.10
CA SER A 10 -9.13 8.62 7.35
C SER A 10 -8.28 9.36 6.32
N LEU A 11 -6.96 9.27 6.48
CA LEU A 11 -6.02 10.04 5.67
C LEU A 11 -4.89 9.14 5.22
N HIS A 12 -4.54 9.21 3.94
CA HIS A 12 -3.35 8.53 3.47
C HIS A 12 -2.11 9.25 3.99
N THR A 13 -1.00 8.51 4.12
CA THR A 13 0.25 9.14 4.55
C THR A 13 0.57 10.38 3.71
N SER A 14 0.30 10.31 2.41
CA SER A 14 0.63 11.42 1.51
C SER A 14 -0.18 12.67 1.80
N GLN A 15 -1.26 12.56 2.59
CA GLN A 15 -2.12 13.68 2.93
C GLN A 15 -1.77 14.32 4.27
N LEU A 16 -0.81 13.76 5.02
CA LEU A 16 -0.44 14.30 6.31
C LEU A 16 0.61 15.40 6.16
N THR A 17 0.48 16.43 6.98
CA THR A 17 1.53 17.45 7.09
C THR A 17 2.67 16.92 7.96
N LEU A 18 3.81 17.62 7.91
CA LEU A 18 4.92 17.25 8.78
C LEU A 18 4.52 17.32 10.24
N SER A 19 3.79 18.37 10.63
N SER A 19 3.78 18.37 10.63
CA SER A 19 3.32 18.51 12.01
CA SER A 19 3.32 18.51 12.01
C SER A 19 2.44 17.33 12.40
C SER A 19 2.44 17.34 12.41
N GLU A 20 1.57 16.88 11.50
CA GLU A 20 0.72 15.75 11.80
C GLU A 20 1.51 14.46 11.96
N LYS A 21 2.58 14.29 11.17
CA LYS A 21 3.42 13.11 11.31
C LYS A 21 4.19 13.14 12.63
N GLU A 22 4.65 14.33 13.05
CA GLU A 22 5.31 14.44 14.34
C GLU A 22 4.36 14.14 15.48
N ALA A 23 3.11 14.62 15.39
CA ALA A 23 2.13 14.31 16.43
C ALA A 23 1.83 12.82 16.46
N LEU A 24 1.78 12.20 15.28
CA LEU A 24 1.56 10.76 15.22
C LEU A 24 2.68 10.00 15.92
N TYR A 25 3.94 10.34 15.60
CA TYR A 25 5.05 9.67 16.26
C TYR A 25 4.94 9.79 17.78
N ASP A 26 4.64 10.98 18.29
CA ASP A 26 4.55 11.16 19.73
C ASP A 26 3.46 10.28 20.33
N LEU A 27 2.31 10.18 19.65
CA LEU A 27 1.25 9.32 20.15
C LEU A 27 1.70 7.86 20.19
N LEU A 28 2.39 7.42 19.14
CA LEU A 28 2.73 6.01 19.05
C LEU A 28 3.82 5.63 20.05
N ILE A 29 4.88 6.44 20.14
N ILE A 29 4.88 6.44 20.14
CA ILE A 29 5.96 6.13 21.06
CA ILE A 29 5.96 6.08 21.06
C ILE A 29 5.46 6.13 22.49
C ILE A 29 5.48 6.14 22.51
N GLU A 30 4.56 7.05 22.84
CA GLU A 30 3.97 7.06 24.17
C GLU A 30 3.05 5.87 24.38
N GLY A 31 2.27 5.51 23.36
CA GLY A 31 1.32 4.43 23.52
C GLY A 31 1.96 3.07 23.72
N PHE A 32 3.12 2.85 23.10
CA PHE A 32 3.90 1.65 23.32
C PHE A 32 4.93 1.80 24.43
N GLU A 33 4.91 2.93 25.13
CA GLU A 33 5.82 3.20 26.25
C GLU A 33 7.27 2.93 25.86
N GLY A 34 7.66 3.45 24.70
CA GLY A 34 9.02 3.36 24.22
C GLY A 34 9.32 2.15 23.36
N ASP A 35 8.45 1.13 23.37
CA ASP A 35 8.70 -0.10 22.62
C ASP A 35 8.20 0.08 21.19
N PHE A 36 8.87 0.98 20.47
CA PHE A 36 8.45 1.37 19.13
C PHE A 36 9.70 1.93 18.47
N SER A 37 10.27 1.17 17.54
CA SER A 37 11.56 1.54 16.96
C SER A 37 11.36 2.43 15.74
N HIS A 38 12.47 2.90 15.19
CA HIS A 38 12.42 3.66 13.94
C HIS A 38 11.86 2.80 12.81
N ASP A 39 12.17 1.51 12.81
CA ASP A 39 11.62 0.63 11.78
C ASP A 39 10.12 0.44 11.97
N ASP A 40 9.67 0.31 13.23
CA ASP A 40 8.23 0.27 13.49
C ASP A 40 7.54 1.51 12.94
N PHE A 41 8.16 2.68 13.11
CA PHE A 41 7.54 3.89 12.58
C PHE A 41 7.49 3.86 11.05
N ALA A 42 8.59 3.44 10.40
CA ALA A 42 8.53 3.30 8.95
C ALA A 42 7.39 2.39 8.52
N HIS A 43 7.15 1.31 9.28
CA HIS A 43 6.13 0.35 8.88
C HIS A 43 4.73 0.92 8.92
N THR A 44 4.49 1.97 9.71
CA THR A 44 3.16 2.52 9.75
C THR A 44 2.93 3.62 8.73
N LEU A 45 3.92 3.93 7.90
CA LEU A 45 3.79 5.00 6.92
C LEU A 45 3.73 4.43 5.52
N GLY A 46 2.82 4.96 4.71
CA GLY A 46 2.70 4.57 3.32
C GLY A 46 1.32 4.10 2.91
N GLY A 47 0.44 3.88 3.90
CA GLY A 47 -0.92 3.45 3.61
C GLY A 47 -1.96 4.38 4.20
N MET A 48 -3.06 3.83 4.70
CA MET A 48 -4.16 4.62 5.24
C MET A 48 -4.07 4.72 6.76
N HIS A 49 -4.25 5.93 7.28
CA HIS A 49 -4.33 6.17 8.72
C HIS A 49 -5.78 6.46 9.08
N VAL A 50 -6.27 5.82 10.14
CA VAL A 50 -7.50 6.23 10.79
C VAL A 50 -7.11 6.88 12.09
N MET A 51 -7.45 8.15 12.25
CA MET A 51 -6.99 8.94 13.38
C MET A 51 -8.19 9.46 14.17
N ALA A 52 -8.08 9.38 15.50
CA ALA A 52 -9.13 9.80 16.43
C ALA A 52 -8.70 11.05 17.17
N PHE A 53 -9.62 12.01 17.29
CA PHE A 53 -9.33 13.30 17.90
C PHE A 53 -10.35 13.64 18.98
N ASP A 54 -9.85 14.13 20.12
CA ASP A 54 -10.70 14.75 21.13
C ASP A 54 -10.43 16.24 21.04
N GLN A 55 -11.44 16.99 20.61
CA GLN A 55 -11.27 18.36 20.16
C GLN A 55 -10.23 18.39 19.05
N GLN A 56 -9.11 19.06 19.29
CA GLN A 56 -8.08 19.20 18.28
C GLN A 56 -6.90 18.27 18.49
N LYS A 57 -6.91 17.45 19.53
N LYS A 57 -6.92 17.44 19.53
CA LYS A 57 -5.76 16.65 19.91
CA LYS A 57 -5.76 16.65 19.91
C LYS A 57 -5.90 15.22 19.40
C LYS A 57 -5.91 15.23 19.40
N LEU A 58 -4.85 14.73 18.76
CA LEU A 58 -4.82 13.34 18.33
C LEU A 58 -4.75 12.41 19.55
N VAL A 59 -5.69 11.49 19.66
CA VAL A 59 -5.75 10.58 20.80
C VAL A 59 -5.79 9.12 20.40
N GLY A 60 -5.87 8.80 19.12
CA GLY A 60 -5.92 7.41 18.70
C GLY A 60 -5.53 7.29 17.25
N HIS A 61 -5.04 6.11 16.89
CA HIS A 61 -4.54 5.87 15.54
C HIS A 61 -4.52 4.39 15.24
N VAL A 62 -4.72 4.07 13.97
CA VAL A 62 -4.33 2.78 13.41
C VAL A 62 -4.04 3.00 11.94
N ALA A 63 -3.10 2.21 11.40
CA ALA A 63 -2.78 2.29 9.98
C ALA A 63 -3.04 0.96 9.29
N ILE A 64 -3.35 1.03 7.99
CA ILE A 64 -3.52 -0.14 7.14
C ILE A 64 -2.58 -0.01 5.96
N ILE A 65 -1.62 -0.93 5.87
N ILE A 65 -1.62 -0.92 5.85
CA ILE A 65 -0.59 -0.96 4.85
CA ILE A 65 -0.61 -0.85 4.79
C ILE A 65 -0.97 -2.04 3.86
C ILE A 65 -0.76 -2.07 3.88
N GLN A 66 -0.64 -1.83 2.58
CA GLN A 66 -0.75 -2.91 1.62
C GLN A 66 0.50 -3.78 1.67
N ARG A 67 0.29 -5.10 1.80
CA ARG A 67 1.38 -6.06 1.69
C ARG A 67 1.00 -7.13 0.68
N HIS A 68 2.03 -7.77 0.13
CA HIS A 68 1.86 -8.78 -0.92
C HIS A 68 2.45 -10.07 -0.40
N MET A 69 1.60 -11.07 -0.17
CA MET A 69 2.02 -12.31 0.48
C MET A 69 1.59 -13.50 -0.35
N ALA A 70 2.02 -14.68 0.08
CA ALA A 70 1.53 -15.93 -0.47
C ALA A 70 0.81 -16.69 0.63
N LEU A 71 -0.33 -17.25 0.29
CA LEU A 71 -1.09 -18.16 1.15
C LEU A 71 -0.87 -19.54 0.53
N ASP A 72 -0.07 -20.36 1.20
CA ASP A 72 0.54 -21.51 0.55
C ASP A 72 1.23 -21.03 -0.74
N ASN A 73 0.78 -21.50 -1.90
CA ASN A 73 1.39 -21.12 -3.16
C ASN A 73 0.64 -20.00 -3.88
N THR A 74 -0.47 -19.52 -3.32
CA THR A 74 -1.34 -18.60 -4.04
C THR A 74 -1.08 -17.16 -3.59
N PRO A 75 -0.94 -16.22 -4.52
CA PRO A 75 -0.78 -14.82 -4.08
C PRO A 75 -2.03 -14.29 -3.42
N ILE A 76 -1.82 -13.47 -2.38
N ILE A 76 -1.82 -13.51 -2.35
CA ILE A 76 -2.93 -12.76 -1.75
CA ILE A 76 -2.91 -12.92 -1.60
C ILE A 76 -2.54 -11.32 -1.49
C ILE A 76 -2.55 -11.47 -1.28
N SER A 77 -3.53 -10.44 -1.58
N SER A 77 -3.45 -10.55 -1.60
CA SER A 77 -3.35 -9.03 -1.26
CA SER A 77 -3.27 -9.14 -1.23
C SER A 77 -3.78 -8.81 0.18
C SER A 77 -3.70 -8.95 0.21
N VAL A 78 -2.88 -8.24 0.98
CA VAL A 78 -3.07 -8.13 2.43
C VAL A 78 -3.21 -6.66 2.84
N GLY A 79 -4.19 -6.40 3.70
CA GLY A 79 -4.20 -5.15 4.45
C GLY A 79 -3.58 -5.42 5.80
N TYR A 80 -2.38 -4.91 6.04
CA TYR A 80 -1.61 -5.21 7.25
C TYR A 80 -1.82 -4.07 8.23
N VAL A 81 -2.31 -4.40 9.41
CA VAL A 81 -2.70 -3.39 10.41
C VAL A 81 -1.51 -3.10 11.31
N GLU A 82 -1.17 -1.80 11.43
CA GLU A 82 0.01 -1.38 12.16
C GLU A 82 -0.33 -0.28 13.15
N ALA A 83 0.39 -0.29 14.27
CA ALA A 83 0.49 0.89 15.13
C ALA A 83 -0.86 1.37 15.67
N MET A 84 -1.68 0.44 16.11
N MET A 84 -1.65 0.42 16.18
CA MET A 84 -2.91 0.86 16.78
CA MET A 84 -2.91 0.74 16.83
C MET A 84 -2.58 1.28 18.20
C MET A 84 -2.63 1.24 18.25
N VAL A 85 -2.96 2.51 18.52
CA VAL A 85 -2.70 3.09 19.84
C VAL A 85 -3.88 3.99 20.19
N VAL A 86 -4.31 3.91 21.45
CA VAL A 86 -5.19 4.90 22.05
C VAL A 86 -4.44 5.46 23.25
N GLU A 87 -4.42 6.79 23.35
CA GLU A 87 -3.76 7.46 24.47
C GLU A 87 -4.32 6.92 25.79
N GLN A 88 -3.41 6.78 26.76
N GLN A 88 -3.42 6.79 26.78
CA GLN A 88 -3.69 6.04 28.00
CA GLN A 88 -3.72 6.01 28.00
C GLN A 88 -5.03 6.43 28.65
C GLN A 88 -5.04 6.42 28.65
N SER A 89 -5.22 7.72 28.90
CA SER A 89 -6.40 8.17 29.64
C SER A 89 -7.71 7.91 28.89
N TYR A 90 -7.63 7.65 27.58
CA TYR A 90 -8.81 7.42 26.75
C TYR A 90 -9.16 5.95 26.59
N ARG A 91 -8.44 5.04 27.22
CA ARG A 91 -8.62 3.62 26.95
C ARG A 91 -9.87 3.06 27.63
N ARG A 92 -10.34 1.93 27.10
CA ARG A 92 -11.55 1.24 27.57
C ARG A 92 -12.79 2.12 27.46
N GLN A 93 -12.83 2.95 26.43
CA GLN A 93 -13.95 3.85 26.17
C GLN A 93 -14.48 3.68 24.75
N GLY A 94 -14.04 2.67 24.01
CA GLY A 94 -14.59 2.36 22.72
C GLY A 94 -13.87 2.95 21.52
N ILE A 95 -12.77 3.68 21.73
CA ILE A 95 -12.07 4.27 20.59
C ILE A 95 -11.41 3.19 19.74
N GLY A 96 -10.71 2.24 20.39
CA GLY A 96 -10.12 1.14 19.64
C GLY A 96 -11.14 0.40 18.81
N ARG A 97 -12.33 0.16 19.36
N ARG A 97 -12.33 0.16 19.36
CA ARG A 97 -13.37 -0.51 18.60
CA ARG A 97 -13.38 -0.52 18.62
C ARG A 97 -13.76 0.29 17.36
C ARG A 97 -13.77 0.27 17.37
N GLN A 98 -13.97 1.60 17.51
N GLN A 98 -13.96 1.59 17.50
CA GLN A 98 -14.34 2.43 16.37
CA GLN A 98 -14.35 2.38 16.35
C GLN A 98 -13.24 2.43 15.32
C GLN A 98 -13.23 2.44 15.30
N LEU A 99 -11.98 2.56 15.75
CA LEU A 99 -10.87 2.49 14.81
C LEU A 99 -10.88 1.18 14.04
N MET A 100 -11.16 0.07 14.73
CA MET A 100 -11.18 -1.23 14.06
C MET A 100 -12.39 -1.39 13.14
N LEU A 101 -13.54 -0.83 13.49
CA LEU A 101 -14.66 -0.91 12.55
C LEU A 101 -14.32 -0.23 11.24
N GLN A 102 -13.64 0.92 11.31
N GLN A 102 -13.66 0.94 11.32
CA GLN A 102 -13.24 1.60 10.09
CA GLN A 102 -13.22 1.62 10.11
C GLN A 102 -12.09 0.88 9.38
C GLN A 102 -12.15 0.81 9.38
N THR A 103 -11.22 0.23 10.15
CA THR A 103 -10.15 -0.57 9.55
C THR A 103 -10.71 -1.76 8.81
N ASN A 104 -11.66 -2.48 9.42
CA ASN A 104 -12.29 -3.59 8.74
C ASN A 104 -12.94 -3.16 7.43
N LYS A 105 -13.61 -2.00 7.43
CA LYS A 105 -14.25 -1.53 6.20
C LYS A 105 -13.20 -1.26 5.11
N ILE A 106 -12.08 -0.64 5.47
CA ILE A 106 -11.02 -0.38 4.51
C ILE A 106 -10.48 -1.69 3.95
N ILE A 107 -10.21 -2.65 4.82
CA ILE A 107 -9.66 -3.93 4.36
C ILE A 107 -10.66 -4.62 3.43
N ALA A 108 -11.94 -4.65 3.82
CA ALA A 108 -12.94 -5.32 3.01
C ALA A 108 -13.05 -4.72 1.61
N SER A 109 -12.82 -3.41 1.48
N SER A 109 -12.82 -3.40 1.48
CA SER A 109 -12.99 -2.75 0.19
CA SER A 109 -12.98 -2.75 0.19
C SER A 109 -11.77 -2.83 -0.71
C SER A 109 -11.80 -3.01 -0.74
N CYS A 110 -10.60 -3.24 -0.19
CA CYS A 110 -9.35 -3.20 -0.95
C CYS A 110 -8.61 -4.51 -1.06
N TYR A 111 -8.63 -5.36 -0.04
CA TYR A 111 -7.68 -6.46 0.06
C TYR A 111 -8.42 -7.78 0.28
N GLN A 112 -7.70 -8.88 0.06
CA GLN A 112 -8.27 -10.20 0.24
C GLN A 112 -8.20 -10.67 1.69
N LEU A 113 -7.30 -10.13 2.50
CA LEU A 113 -7.10 -10.65 3.85
C LEU A 113 -6.52 -9.53 4.70
N GLY A 114 -7.02 -9.39 5.92
CA GLY A 114 -6.39 -8.55 6.92
C GLY A 114 -5.46 -9.39 7.78
N LEU A 115 -4.28 -8.84 8.06
CA LEU A 115 -3.34 -9.48 8.97
C LEU A 115 -2.73 -8.45 9.90
N LEU A 116 -2.27 -8.91 11.06
CA LEU A 116 -1.58 -8.05 12.03
C LEU A 116 -0.80 -8.94 12.99
N SER A 117 0.11 -8.33 13.74
CA SER A 117 0.79 -8.99 14.85
C SER A 117 0.32 -8.32 16.14
N ALA A 118 -0.25 -9.10 17.05
CA ALA A 118 -0.98 -8.52 18.16
C ALA A 118 -0.12 -8.38 19.40
N SER A 119 -0.42 -7.38 20.21
CA SER A 119 0.02 -7.36 21.60
C SER A 119 -1.06 -8.02 22.44
N ASP A 120 -0.73 -8.31 23.69
CA ASP A 120 -1.73 -8.89 24.59
C ASP A 120 -2.95 -7.97 24.73
N ASP A 121 -2.73 -6.67 24.84
N ASP A 121 -2.68 -6.66 24.80
CA ASP A 121 -3.90 -5.80 24.94
CA ASP A 121 -3.73 -5.65 24.90
C ASP A 121 -4.64 -5.68 23.61
C ASP A 121 -4.59 -5.68 23.63
N GLY A 122 -3.91 -5.70 22.49
CA GLY A 122 -4.60 -5.65 21.22
C GLY A 122 -5.41 -6.89 20.91
N GLN A 123 -4.91 -8.07 21.32
CA GLN A 123 -5.56 -9.31 20.95
C GLN A 123 -7.02 -9.34 21.37
N LYS A 124 -7.31 -8.89 22.59
CA LYS A 124 -8.69 -8.88 23.06
C LYS A 124 -9.56 -7.97 22.19
N LEU A 125 -9.02 -6.82 21.79
CA LEU A 125 -9.77 -5.94 20.90
C LEU A 125 -10.02 -6.58 19.55
N TYR A 126 -8.99 -7.15 18.92
CA TYR A 126 -9.18 -7.71 17.59
C TYR A 126 -10.14 -8.91 17.62
N HIS A 127 -10.03 -9.75 18.65
CA HIS A 127 -11.01 -10.80 18.86
C HIS A 127 -12.43 -10.24 18.90
N SER A 128 -12.64 -9.13 19.59
CA SER A 128 -13.98 -8.59 19.78
C SER A 128 -14.60 -8.07 18.49
N VAL A 129 -13.78 -7.82 17.45
CA VAL A 129 -14.28 -7.36 16.17
C VAL A 129 -14.10 -8.40 15.07
N GLY A 130 -13.88 -9.66 15.42
CA GLY A 130 -13.99 -10.73 14.47
C GLY A 130 -12.69 -11.29 13.91
N TRP A 131 -11.54 -10.86 14.40
CA TRP A 131 -10.27 -11.44 13.96
C TRP A 131 -9.97 -12.73 14.73
N GLN A 132 -9.18 -13.60 14.11
N GLN A 132 -9.16 -13.59 14.12
CA GLN A 132 -8.77 -14.85 14.75
CA GLN A 132 -8.78 -14.86 14.72
C GLN A 132 -7.26 -14.97 14.70
C GLN A 132 -7.27 -15.04 14.66
N ILE A 133 -6.71 -15.70 15.68
CA ILE A 133 -5.29 -16.01 15.67
C ILE A 133 -4.98 -16.89 14.48
N TRP A 134 -3.93 -16.55 13.74
CA TRP A 134 -3.53 -17.38 12.61
C TRP A 134 -3.01 -18.72 13.11
N LYS A 135 -3.53 -19.82 12.54
CA LYS A 135 -3.18 -21.15 13.04
C LYS A 135 -2.06 -21.83 12.25
N GLY A 136 -1.77 -21.37 11.04
CA GLY A 136 -0.76 -22.00 10.21
C GLY A 136 0.63 -21.46 10.47
N LYS A 137 1.58 -21.95 9.69
CA LYS A 137 2.96 -21.52 9.80
C LYS A 137 3.16 -20.16 9.15
N LEU A 138 4.17 -19.45 9.63
CA LEU A 138 4.53 -18.13 9.13
C LEU A 138 5.97 -18.19 8.61
N PHE A 139 6.21 -17.51 7.50
CA PHE A 139 7.52 -17.49 6.87
C PHE A 139 7.87 -16.07 6.44
N GLU A 140 9.16 -15.75 6.52
CA GLU A 140 9.66 -14.43 6.18
C GLU A 140 10.94 -14.58 5.38
N LEU A 141 11.30 -13.53 4.65
CA LEU A 141 12.51 -13.56 3.83
C LEU A 141 13.70 -13.13 4.69
N LYS A 142 14.78 -13.91 4.61
CA LYS A 142 16.04 -13.56 5.23
C LYS A 142 17.13 -13.82 4.20
N GLN A 143 17.87 -12.78 3.84
N GLN A 143 17.87 -12.78 3.84
CA GLN A 143 18.91 -12.88 2.82
CA GLN A 143 18.92 -12.89 2.82
C GLN A 143 18.37 -13.44 1.51
C GLN A 143 18.38 -13.43 1.49
N GLY A 144 17.11 -13.13 1.20
CA GLY A 144 16.52 -13.53 -0.06
C GLY A 144 15.91 -14.92 -0.11
N SER A 145 15.79 -15.60 1.02
N SER A 145 15.81 -15.62 1.02
N SER A 145 15.81 -15.60 1.03
CA SER A 145 15.24 -16.95 1.09
CA SER A 145 15.19 -16.94 1.05
CA SER A 145 15.23 -16.93 1.08
C SER A 145 14.29 -17.05 2.28
C SER A 145 14.29 -17.04 2.26
C SER A 145 14.27 -17.02 2.27
N TYR A 146 13.23 -17.85 2.12
CA TYR A 146 12.22 -17.97 3.17
C TYR A 146 12.70 -18.84 4.33
N ILE A 147 12.50 -18.34 5.55
CA ILE A 147 12.75 -19.05 6.80
C ILE A 147 11.47 -18.97 7.61
N ARG A 148 11.31 -19.90 8.53
CA ARG A 148 10.11 -19.93 9.36
C ARG A 148 10.18 -18.87 10.45
N SER A 149 9.09 -18.13 10.63
CA SER A 149 8.98 -17.09 11.64
C SER A 149 8.45 -17.72 12.93
N ILE A 150 9.30 -18.55 13.53
N ILE A 150 9.27 -18.59 13.51
CA ILE A 150 8.89 -19.38 14.66
CA ILE A 150 8.76 -19.51 14.52
C ILE A 150 8.36 -18.52 15.80
C ILE A 150 8.27 -18.77 15.77
N GLU A 151 9.12 -17.51 16.21
N GLU A 151 8.97 -17.69 16.16
CA GLU A 151 8.76 -16.73 17.40
CA GLU A 151 8.59 -16.99 17.38
C GLU A 151 7.48 -15.94 17.23
C GLU A 151 7.36 -16.11 17.22
N GLU A 152 7.07 -15.67 15.98
CA GLU A 152 5.89 -14.85 15.74
C GLU A 152 4.62 -15.66 15.63
N GLU A 153 4.72 -16.97 15.45
CA GLU A 153 3.54 -17.83 15.36
C GLU A 153 2.80 -17.83 16.68
N GLY A 154 1.47 -17.73 16.60
CA GLY A 154 0.62 -17.56 17.75
C GLY A 154 0.25 -16.12 18.04
N GLY A 155 1.00 -15.17 17.47
CA GLY A 155 0.78 -13.76 17.72
C GLY A 155 0.16 -13.03 16.54
N VAL A 156 0.25 -13.62 15.36
CA VAL A 156 -0.35 -13.01 14.18
C VAL A 156 -1.83 -13.36 14.14
N MET A 157 -2.65 -12.38 13.74
CA MET A 157 -4.09 -12.56 13.63
C MET A 157 -4.55 -12.15 12.24
N GLY A 158 -5.68 -12.73 11.80
CA GLY A 158 -6.19 -12.45 10.47
C GLY A 158 -7.69 -12.25 10.47
N TRP A 159 -8.18 -11.73 9.35
CA TRP A 159 -9.60 -11.44 9.19
C TRP A 159 -9.95 -11.48 7.71
N LYS A 160 -10.98 -12.24 7.37
CA LYS A 160 -11.45 -12.37 5.99
C LYS A 160 -12.85 -11.76 5.90
N ALA A 161 -12.98 -10.65 5.18
CA ALA A 161 -14.27 -10.00 5.00
C ALA A 161 -15.20 -10.83 4.12
N ASP A 162 -14.91 -10.85 2.83
CA ASP A 162 -15.71 -11.55 1.84
C ASP A 162 -15.41 -13.04 1.96
N GLY A 163 -16.29 -13.78 2.60
CA GLY A 163 -16.17 -15.23 2.61
C GLY A 163 -15.14 -15.76 3.58
N GLU A 164 -14.49 -16.84 3.19
CA GLU A 164 -13.70 -17.67 4.10
C GLU A 164 -12.26 -17.81 3.60
N VAL A 165 -11.33 -17.80 4.56
CA VAL A 165 -9.91 -18.01 4.29
C VAL A 165 -9.45 -19.14 5.21
N ASP A 166 -8.50 -19.94 4.73
CA ASP A 166 -7.99 -21.08 5.48
C ASP A 166 -6.94 -20.58 6.46
N PHE A 167 -7.32 -20.42 7.72
N PHE A 167 -7.34 -20.42 7.73
CA PHE A 167 -6.38 -19.91 8.71
CA PHE A 167 -6.45 -19.95 8.78
C PHE A 167 -5.34 -20.94 9.13
C PHE A 167 -5.30 -20.91 9.07
N THR A 168 -5.36 -22.14 8.54
CA THR A 168 -4.32 -23.13 8.78
C THR A 168 -3.26 -23.15 7.68
N ALA A 169 -3.45 -22.36 6.62
CA ALA A 169 -2.47 -22.32 5.54
C ALA A 169 -1.21 -21.58 5.98
N SER A 170 -0.12 -21.80 5.24
CA SER A 170 1.12 -21.11 5.54
C SER A 170 1.10 -19.73 4.89
N LEU A 171 1.61 -18.73 5.62
CA LEU A 171 1.75 -17.37 5.08
C LEU A 171 3.22 -17.07 4.83
N TYR A 172 3.50 -16.49 3.68
CA TYR A 172 4.85 -16.07 3.31
C TYR A 172 4.78 -14.57 3.08
N CYS A 173 5.42 -13.79 3.96
CA CYS A 173 5.27 -12.35 3.88
C CYS A 173 6.34 -11.74 2.98
N ASP A 174 6.14 -10.47 2.64
CA ASP A 174 7.11 -9.68 1.89
C ASP A 174 8.15 -9.08 2.84
N PHE A 175 9.24 -8.58 2.25
CA PHE A 175 10.45 -8.21 2.98
C PHE A 175 10.43 -6.75 3.39
N ARG A 176 10.89 -6.46 4.61
CA ARG A 176 11.04 -5.09 5.09
C ARG A 176 12.16 -5.02 6.11
N GLY A 177 12.45 -3.81 6.59
CA GLY A 177 13.40 -3.64 7.67
C GLY A 177 12.78 -3.98 9.02
N GLY A 178 13.64 -4.25 10.00
CA GLY A 178 13.15 -4.53 11.36
C GLY A 178 12.37 -5.84 11.42
N ASP A 179 11.25 -5.81 12.16
CA ASP A 179 10.43 -7.01 12.34
C ASP A 179 9.56 -7.23 11.11
N GLN A 180 9.58 -8.48 10.60
CA GLN A 180 8.83 -8.77 9.39
C GLN A 180 7.33 -8.88 9.66
N TRP A 181 6.96 -9.27 10.86
CA TRP A 181 5.56 -9.32 11.27
C TRP A 181 5.33 -8.24 12.31
N GLY B 1 -7.47 19.55 -7.48
CA GLY B 1 -7.62 20.87 -8.08
C GLY B 1 -7.86 20.87 -9.58
N SER B 2 -7.52 21.98 -10.23
N SER B 2 -7.54 21.99 -10.21
CA SER B 2 -7.76 22.15 -11.66
CA SER B 2 -7.73 22.15 -11.64
C SER B 2 -6.48 22.57 -12.36
C SER B 2 -6.39 22.44 -12.30
N HIS B 3 -6.29 22.08 -13.57
CA HIS B 3 -5.12 22.43 -14.38
C HIS B 3 -5.52 22.41 -15.83
N MET B 4 -5.48 23.58 -16.49
CA MET B 4 -5.70 23.70 -17.92
C MET B 4 -7.04 23.10 -18.34
N GLY B 5 -8.08 23.36 -17.56
CA GLY B 5 -9.42 22.91 -17.91
C GLY B 5 -9.74 21.49 -17.53
N ILE B 6 -8.86 20.82 -16.81
CA ILE B 6 -9.07 19.45 -16.35
C ILE B 6 -9.03 19.45 -14.82
N GLU B 7 -9.94 18.70 -14.21
CA GLU B 7 -10.03 18.60 -12.76
C GLU B 7 -9.31 17.36 -12.27
N TYR B 8 -8.58 17.49 -11.18
CA TYR B 8 -7.79 16.40 -10.62
C TYR B 8 -8.23 16.09 -9.20
N ARG B 9 -8.33 14.80 -8.91
N ARG B 9 -8.31 14.80 -8.89
CA ARG B 9 -8.66 14.33 -7.57
CA ARG B 9 -8.68 14.35 -7.56
C ARG B 9 -7.68 13.24 -7.18
C ARG B 9 -7.80 13.18 -7.16
N SER B 10 -7.40 13.16 -5.89
CA SER B 10 -6.60 12.08 -5.32
C SER B 10 -7.41 11.34 -4.28
N LEU B 11 -7.47 10.02 -4.40
CA LEU B 11 -8.27 9.26 -3.45
C LEU B 11 -7.75 7.84 -3.35
N HIS B 12 -7.97 7.25 -2.19
CA HIS B 12 -7.58 5.88 -1.94
C HIS B 12 -8.64 4.93 -2.49
N THR B 13 -8.21 3.71 -2.84
CA THR B 13 -9.15 2.73 -3.35
C THR B 13 -10.35 2.54 -2.43
N SER B 14 -10.12 2.62 -1.11
CA SER B 14 -11.18 2.38 -0.14
C SER B 14 -12.29 3.42 -0.22
N GLN B 15 -12.07 4.54 -0.90
CA GLN B 15 -13.07 5.58 -1.03
C GLN B 15 -13.88 5.49 -2.32
N LEU B 16 -13.50 4.62 -3.25
CA LEU B 16 -14.20 4.51 -4.51
C LEU B 16 -15.57 3.87 -4.32
N THR B 17 -16.58 4.46 -4.95
CA THR B 17 -17.86 3.80 -5.08
C THR B 17 -17.79 2.76 -6.20
N LEU B 18 -18.80 1.90 -6.27
CA LEU B 18 -18.84 0.92 -7.34
C LEU B 18 -18.89 1.59 -8.70
N SER B 19 -19.71 2.63 -8.84
N SER B 19 -19.70 2.64 -8.84
CA SER B 19 -19.80 3.34 -10.11
CA SER B 19 -19.80 3.32 -10.12
C SER B 19 -18.46 3.94 -10.50
C SER B 19 -18.48 3.98 -10.51
N GLU B 20 -17.72 4.48 -9.53
CA GLU B 20 -16.41 5.05 -9.83
C GLU B 20 -15.41 3.97 -10.24
N LYS B 21 -15.51 2.80 -9.62
CA LYS B 21 -14.65 1.67 -9.92
C LYS B 21 -14.94 1.16 -11.34
N GLU B 22 -16.22 1.06 -11.68
CA GLU B 22 -16.60 0.61 -13.02
C GLU B 22 -16.17 1.61 -14.08
N ALA B 23 -16.29 2.91 -13.80
CA ALA B 23 -15.82 3.92 -14.75
C ALA B 23 -14.31 3.81 -14.95
N LEU B 24 -13.57 3.56 -13.86
CA LEU B 24 -12.13 3.38 -13.98
C LEU B 24 -11.80 2.15 -14.83
N TYR B 25 -12.48 1.04 -14.60
CA TYR B 25 -12.24 -0.15 -15.40
C TYR B 25 -12.48 0.12 -16.88
N ASP B 26 -13.59 0.79 -17.20
CA ASP B 26 -13.90 1.07 -18.60
C ASP B 26 -12.85 1.97 -19.21
N LEU B 27 -12.37 2.97 -18.46
CA LEU B 27 -11.34 3.86 -18.97
C LEU B 27 -10.07 3.09 -19.29
N LEU B 28 -9.68 2.16 -18.42
CA LEU B 28 -8.47 1.38 -18.64
C LEU B 28 -8.61 0.43 -19.82
N ILE B 29 -9.74 -0.27 -19.93
CA ILE B 29 -9.95 -1.18 -21.04
C ILE B 29 -9.87 -0.44 -22.36
N GLU B 30 -10.55 0.70 -22.45
N GLU B 30 -10.54 0.71 -22.45
CA GLU B 30 -10.53 1.47 -23.69
CA GLU B 30 -10.53 1.46 -23.70
C GLU B 30 -9.15 2.05 -23.97
C GLU B 30 -9.16 2.05 -23.98
N GLY B 31 -8.50 2.61 -22.95
CA GLY B 31 -7.25 3.30 -23.16
C GLY B 31 -6.09 2.39 -23.49
N PHE B 32 -6.12 1.14 -23.00
CA PHE B 32 -5.12 0.15 -23.35
C PHE B 32 -5.54 -0.67 -24.55
N GLU B 33 -6.63 -0.28 -25.21
CA GLU B 33 -7.17 -1.05 -26.34
C GLU B 33 -7.30 -2.53 -25.99
N GLY B 34 -7.76 -2.80 -24.77
CA GLY B 34 -8.05 -4.15 -24.34
C GLY B 34 -6.86 -4.93 -23.80
N ASP B 35 -5.65 -4.39 -23.88
CA ASP B 35 -4.45 -5.04 -23.36
C ASP B 35 -4.34 -4.77 -21.86
N PHE B 36 -5.30 -5.34 -21.12
CA PHE B 36 -5.45 -5.04 -19.70
C PHE B 36 -6.31 -6.14 -19.11
N SER B 37 -5.73 -6.95 -18.23
CA SER B 37 -6.37 -8.17 -17.75
C SER B 37 -7.03 -7.93 -16.39
N HIS B 38 -7.73 -8.97 -15.91
CA HIS B 38 -8.27 -8.91 -14.56
C HIS B 38 -7.17 -8.80 -13.52
N ASP B 39 -6.03 -9.45 -13.75
CA ASP B 39 -4.91 -9.29 -12.83
C ASP B 39 -4.36 -7.87 -12.90
N ASP B 40 -4.25 -7.28 -14.10
CA ASP B 40 -3.82 -5.88 -14.19
C ASP B 40 -4.75 -4.99 -13.38
N PHE B 41 -6.06 -5.24 -13.44
CA PHE B 41 -6.99 -4.42 -12.67
C PHE B 41 -6.79 -4.60 -11.18
N ALA B 42 -6.61 -5.84 -10.73
CA ALA B 42 -6.30 -6.06 -9.32
C ALA B 42 -5.08 -5.27 -8.88
N HIS B 43 -4.08 -5.19 -9.76
CA HIS B 43 -2.83 -4.52 -9.42
C HIS B 43 -2.99 -3.03 -9.25
N THR B 44 -4.00 -2.43 -9.86
CA THR B 44 -4.18 -0.99 -9.69
C THR B 44 -5.06 -0.63 -8.50
N LEU B 45 -5.52 -1.62 -7.74
CA LEU B 45 -6.41 -1.38 -6.59
C LEU B 45 -5.67 -1.66 -5.30
N GLY B 46 -5.83 -0.77 -4.33
CA GLY B 46 -5.28 -0.97 -3.01
C GLY B 46 -4.45 0.20 -2.51
N GLY B 47 -4.16 1.14 -3.38
CA GLY B 47 -3.34 2.29 -3.05
C GLY B 47 -4.03 3.59 -3.37
N MET B 48 -3.25 4.57 -3.81
CA MET B 48 -3.76 5.88 -4.15
C MET B 48 -4.04 5.97 -5.64
N HIS B 49 -5.10 6.69 -5.99
CA HIS B 49 -5.44 7.00 -7.36
C HIS B 49 -5.36 8.50 -7.55
N VAL B 50 -4.83 8.94 -8.69
CA VAL B 50 -5.03 10.32 -9.15
C VAL B 50 -5.89 10.24 -10.38
N MET B 51 -7.01 10.94 -10.37
CA MET B 51 -7.98 10.87 -11.46
C MET B 51 -8.16 12.25 -12.08
N ALA B 52 -8.31 12.28 -13.40
CA ALA B 52 -8.51 13.50 -14.16
C ALA B 52 -9.89 13.49 -14.79
N PHE B 53 -10.57 14.64 -14.74
CA PHE B 53 -11.93 14.78 -15.24
C PHE B 53 -12.04 15.97 -16.16
N ASP B 54 -12.75 15.80 -17.28
CA ASP B 54 -13.22 16.94 -18.06
C ASP B 54 -14.64 17.21 -17.59
N GLN B 55 -14.79 18.25 -16.77
CA GLN B 55 -16.01 18.52 -16.03
C GLN B 55 -16.33 17.32 -15.14
N GLN B 56 -17.29 16.49 -15.53
CA GLN B 56 -17.62 15.33 -14.72
C GLN B 56 -17.22 13.98 -15.32
N LYS B 57 -16.61 13.99 -16.49
CA LYS B 57 -16.26 12.75 -17.16
C LYS B 57 -14.83 12.36 -16.84
N LEU B 58 -14.64 11.13 -16.36
CA LEU B 58 -13.29 10.60 -16.11
C LEU B 58 -12.53 10.45 -17.43
N VAL B 59 -11.40 11.13 -17.55
CA VAL B 59 -10.57 11.08 -18.75
C VAL B 59 -9.14 10.64 -18.48
N GLY B 60 -8.72 10.48 -17.22
CA GLY B 60 -7.34 10.08 -16.98
C GLY B 60 -7.21 9.47 -15.61
N HIS B 61 -6.15 8.67 -15.44
CA HIS B 61 -5.94 7.97 -14.18
C HIS B 61 -4.49 7.54 -14.07
N VAL B 62 -4.00 7.50 -12.82
CA VAL B 62 -2.80 6.74 -12.48
C VAL B 62 -2.94 6.29 -11.03
N ALA B 63 -2.34 5.14 -10.70
CA ALA B 63 -2.37 4.63 -9.35
C ALA B 63 -0.95 4.46 -8.81
N ILE B 64 -0.82 4.57 -7.48
CA ILE B 64 0.45 4.34 -6.79
C ILE B 64 0.19 3.31 -5.70
N ILE B 65 0.82 2.15 -5.81
N ILE B 65 0.83 2.14 -5.83
CA ILE B 65 0.60 1.08 -4.84
CA ILE B 65 0.70 1.02 -4.93
C ILE B 65 1.89 0.81 -4.08
C ILE B 65 1.93 0.98 -4.04
N GLN B 66 1.76 0.56 -2.78
CA GLN B 66 2.91 0.25 -1.95
C GLN B 66 3.38 -1.16 -2.24
N ARG B 67 4.68 -1.31 -2.51
CA ARG B 67 5.31 -2.62 -2.65
C ARG B 67 6.51 -2.70 -1.73
N HIS B 68 6.89 -3.92 -1.38
CA HIS B 68 7.98 -4.18 -0.44
C HIS B 68 9.01 -4.99 -1.19
N MET B 69 10.18 -4.41 -1.44
CA MET B 69 11.17 -5.06 -2.28
C MET B 69 12.52 -5.09 -1.56
N ALA B 70 13.47 -5.81 -2.16
CA ALA B 70 14.85 -5.77 -1.73
C ALA B 70 15.66 -5.15 -2.84
N LEU B 71 16.56 -4.27 -2.46
CA LEU B 71 17.55 -3.65 -3.34
C LEU B 71 18.87 -4.28 -2.95
N ASP B 72 19.40 -5.14 -3.81
CA ASP B 72 20.42 -6.10 -3.39
C ASP B 72 19.93 -6.79 -2.13
N ASN B 73 20.61 -6.62 -1.00
CA ASN B 73 20.18 -7.29 0.22
C ASN B 73 19.42 -6.37 1.18
N THR B 74 19.20 -5.12 0.81
N THR B 74 19.15 -5.14 0.79
CA THR B 74 18.55 -4.23 1.77
CA THR B 74 18.58 -4.13 1.68
C THR B 74 17.09 -4.02 1.41
C THR B 74 17.09 -3.96 1.40
N PRO B 75 16.22 -3.94 2.41
CA PRO B 75 14.81 -3.69 2.14
C PRO B 75 14.61 -2.27 1.64
N ILE B 76 13.70 -2.13 0.68
N ILE B 76 13.66 -2.11 0.72
CA ILE B 76 13.37 -0.82 0.11
CA ILE B 76 13.27 -0.78 0.24
C ILE B 76 11.86 -0.72 -0.05
C ILE B 76 11.75 -0.71 0.13
N SER B 77 11.29 0.38 0.43
N SER B 77 11.20 0.45 0.50
CA SER B 77 9.87 0.65 0.29
CA SER B 77 9.77 0.71 0.35
C SER B 77 9.63 1.31 -1.05
C SER B 77 9.55 1.38 -1.00
N VAL B 78 8.66 0.79 -1.80
CA VAL B 78 8.48 1.18 -3.19
C VAL B 78 7.08 1.76 -3.40
N GLY B 79 7.01 2.86 -4.13
CA GLY B 79 5.77 3.31 -4.72
C GLY B 79 5.73 2.83 -6.14
N TYR B 80 4.85 1.87 -6.43
CA TYR B 80 4.79 1.22 -7.73
C TYR B 80 3.66 1.83 -8.53
N VAL B 81 3.98 2.37 -9.69
CA VAL B 81 3.02 3.14 -10.48
C VAL B 81 2.32 2.19 -11.44
N GLU B 82 0.99 2.18 -11.41
CA GLU B 82 0.19 1.27 -12.23
C GLU B 82 -0.88 2.04 -12.99
N ALA B 83 -1.18 1.53 -14.19
CA ALA B 83 -2.44 1.83 -14.86
C ALA B 83 -2.60 3.30 -15.21
N MET B 84 -1.52 3.93 -15.65
CA MET B 84 -1.66 5.29 -16.16
C MET B 84 -2.33 5.24 -17.53
N VAL B 85 -3.40 6.02 -17.69
N VAL B 85 -3.42 6.00 -17.67
CA VAL B 85 -4.10 6.07 -18.96
CA VAL B 85 -4.19 6.07 -18.91
C VAL B 85 -4.74 7.44 -19.10
C VAL B 85 -4.70 7.49 -19.08
N VAL B 86 -4.75 7.95 -20.33
CA VAL B 86 -5.50 9.13 -20.70
C VAL B 86 -6.36 8.75 -21.88
N GLU B 87 -7.65 9.11 -21.85
CA GLU B 87 -8.52 8.79 -22.97
C GLU B 87 -7.93 9.33 -24.27
N GLN B 88 -8.04 8.54 -25.34
N GLN B 88 -8.05 8.54 -25.34
CA GLN B 88 -7.29 8.83 -26.57
CA GLN B 88 -7.31 8.81 -26.57
C GLN B 88 -7.50 10.25 -27.06
C GLN B 88 -7.50 10.23 -27.08
N SER B 89 -8.74 10.73 -27.06
CA SER B 89 -9.01 12.06 -27.60
C SER B 89 -8.48 13.19 -26.72
N TYR B 90 -8.03 12.89 -25.50
CA TYR B 90 -7.46 13.88 -24.60
C TYR B 90 -5.93 13.80 -24.53
N ARG B 91 -5.31 12.98 -25.38
CA ARG B 91 -3.87 12.80 -25.26
C ARG B 91 -3.10 13.97 -25.86
N ARG B 92 -1.85 14.12 -25.41
N ARG B 92 -1.84 14.09 -25.43
CA ARG B 92 -0.94 15.14 -25.91
CA ARG B 92 -0.92 15.12 -25.91
C ARG B 92 -1.39 16.56 -25.58
C ARG B 92 -1.43 16.52 -25.61
N GLN B 93 -2.10 16.73 -24.47
N GLN B 93 -2.05 16.67 -24.44
CA GLN B 93 -2.40 18.06 -23.95
CA GLN B 93 -2.47 17.97 -23.93
C GLN B 93 -1.91 18.24 -22.51
C GLN B 93 -1.92 18.23 -22.52
N GLY B 94 -1.04 17.35 -22.04
CA GLY B 94 -0.38 17.52 -20.75
C GLY B 94 -1.03 16.84 -19.56
N ILE B 95 -2.08 16.04 -19.78
CA ILE B 95 -2.74 15.38 -18.64
C ILE B 95 -1.83 14.33 -18.02
N GLY B 96 -1.17 13.52 -18.85
CA GLY B 96 -0.25 12.53 -18.32
C GLY B 96 0.85 13.15 -17.48
N ARG B 97 1.39 14.28 -17.93
CA ARG B 97 2.43 14.97 -17.16
C ARG B 97 1.89 15.40 -15.81
N GLN B 98 0.70 16.01 -15.79
N GLN B 98 0.69 16.00 -15.79
CA GLN B 98 0.11 16.43 -14.53
CA GLN B 98 0.13 16.44 -14.52
C GLN B 98 -0.10 15.25 -13.59
C GLN B 98 -0.13 15.27 -13.58
N LEU B 99 -0.61 14.14 -14.12
CA LEU B 99 -0.79 12.94 -13.32
C LEU B 99 0.54 12.49 -12.72
N MET B 100 1.62 12.55 -13.52
CA MET B 100 2.92 12.11 -13.04
C MET B 100 3.52 13.07 -12.01
N LEU B 101 3.29 14.38 -12.17
CA LEU B 101 3.77 15.31 -11.16
C LEU B 101 3.12 15.03 -9.81
N GLN B 102 1.82 14.73 -9.81
CA GLN B 102 1.14 14.39 -8.57
C GLN B 102 1.62 13.05 -8.05
N THR B 103 1.91 12.11 -8.96
CA THR B 103 2.44 10.80 -8.59
C THR B 103 3.79 10.94 -7.92
N ASN B 104 4.70 11.70 -8.54
CA ASN B 104 6.01 11.94 -7.93
C ASN B 104 5.88 12.51 -6.53
N LYS B 105 4.95 13.46 -6.33
N LYS B 105 4.94 13.44 -6.33
CA LYS B 105 4.79 14.05 -5.00
CA LYS B 105 4.77 14.05 -5.02
C LYS B 105 4.34 12.99 -3.99
C LYS B 105 4.32 13.02 -3.99
N ILE B 106 3.42 12.11 -4.38
CA ILE B 106 2.97 11.06 -3.47
C ILE B 106 4.12 10.14 -3.11
N ILE B 107 4.89 9.72 -4.12
CA ILE B 107 6.00 8.81 -3.88
C ILE B 107 7.02 9.46 -2.95
N ALA B 108 7.36 10.73 -3.23
CA ALA B 108 8.37 11.41 -2.42
C ALA B 108 7.96 11.52 -0.96
N SER B 109 6.66 11.63 -0.69
N SER B 109 6.66 11.64 -0.69
CA SER B 109 6.20 11.78 0.68
CA SER B 109 6.17 11.78 0.67
C SER B 109 6.09 10.46 1.43
C SER B 109 6.15 10.46 1.43
N CYS B 110 6.11 9.33 0.74
CA CYS B 110 5.71 8.06 1.34
C CYS B 110 6.77 6.96 1.26
N TYR B 111 7.53 6.88 0.16
CA TYR B 111 8.32 5.69 -0.14
C TYR B 111 9.76 6.09 -0.45
N GLN B 112 10.62 5.09 -0.50
CA GLN B 112 12.03 5.33 -0.77
C GLN B 112 12.36 5.34 -2.25
N LEU B 113 11.56 4.68 -3.08
CA LEU B 113 11.88 4.52 -4.49
C LEU B 113 10.57 4.38 -5.26
N GLY B 114 10.49 5.07 -6.41
CA GLY B 114 9.40 4.83 -7.35
C GLY B 114 9.85 3.82 -8.38
N LEU B 115 8.94 2.90 -8.74
CA LEU B 115 9.21 1.93 -9.80
C LEU B 115 7.95 1.75 -10.63
N LEU B 116 8.14 1.33 -11.88
CA LEU B 116 7.03 1.05 -12.79
C LEU B 116 7.58 0.24 -13.96
N SER B 117 6.66 -0.40 -14.69
CA SER B 117 6.99 -1.06 -15.95
C SER B 117 6.37 -0.24 -17.08
N ALA B 118 7.21 0.20 -18.01
CA ALA B 118 6.75 1.22 -18.96
C ALA B 118 6.14 0.60 -20.22
N SER B 119 5.35 1.42 -20.89
CA SER B 119 4.97 1.18 -22.27
C SER B 119 5.70 2.20 -23.14
N ASP B 120 5.78 1.89 -24.44
CA ASP B 120 6.40 2.86 -25.34
C ASP B 120 5.67 4.20 -25.36
N ASP B 121 4.35 4.21 -25.09
CA ASP B 121 3.62 5.48 -25.05
C ASP B 121 4.06 6.35 -23.89
N GLY B 122 4.51 5.74 -22.80
CA GLY B 122 4.76 6.49 -21.59
C GLY B 122 6.22 6.75 -21.30
N GLN B 123 7.12 5.99 -21.93
CA GLN B 123 8.52 6.01 -21.51
C GLN B 123 9.13 7.40 -21.58
N LYS B 124 8.93 8.11 -22.70
CA LYS B 124 9.49 9.44 -22.82
C LYS B 124 8.85 10.39 -21.81
N LEU B 125 7.55 10.23 -21.56
CA LEU B 125 6.89 11.04 -20.54
C LEU B 125 7.55 10.81 -19.17
N TYR B 126 7.75 9.54 -18.79
CA TYR B 126 8.35 9.27 -17.50
C TYR B 126 9.77 9.84 -17.42
N HIS B 127 10.55 9.67 -18.49
N HIS B 127 10.55 9.71 -18.50
CA HIS B 127 11.87 10.30 -18.57
CA HIS B 127 11.88 10.31 -18.47
C HIS B 127 11.78 11.80 -18.32
C HIS B 127 11.81 11.83 -18.36
N SER B 128 10.76 12.45 -18.88
CA SER B 128 10.65 13.90 -18.81
C SER B 128 10.38 14.41 -17.41
N VAL B 129 9.92 13.55 -16.50
CA VAL B 129 9.71 13.94 -15.11
C VAL B 129 10.62 13.18 -14.17
N GLY B 130 11.79 12.78 -14.66
CA GLY B 130 12.87 12.34 -13.80
C GLY B 130 13.10 10.85 -13.71
N TRP B 131 12.27 10.04 -14.35
CA TRP B 131 12.42 8.59 -14.24
C TRP B 131 13.51 8.10 -15.19
N GLN B 132 14.12 6.96 -14.82
CA GLN B 132 15.24 6.40 -15.57
C GLN B 132 15.07 4.90 -15.68
N ILE B 133 15.60 4.33 -16.78
CA ILE B 133 15.55 2.87 -16.94
C ILE B 133 16.34 2.21 -15.83
N TRP B 134 15.76 1.18 -15.22
CA TRP B 134 16.51 0.38 -14.26
C TRP B 134 17.54 -0.47 -15.00
N LYS B 135 18.79 -0.38 -14.57
CA LYS B 135 19.87 -1.08 -15.26
C LYS B 135 20.21 -2.43 -14.64
N GLY B 136 19.84 -2.68 -13.40
CA GLY B 136 20.20 -3.91 -12.74
C GLY B 136 19.27 -5.08 -13.08
N LYS B 137 19.59 -6.23 -12.48
CA LYS B 137 18.79 -7.41 -12.67
C LYS B 137 17.48 -7.31 -11.89
N LEU B 138 16.44 -7.96 -12.41
CA LEU B 138 15.14 -8.01 -11.78
C LEU B 138 14.81 -9.45 -11.44
N PHE B 139 14.25 -9.66 -10.24
CA PHE B 139 13.89 -10.98 -9.76
C PHE B 139 12.47 -10.98 -9.21
N GLU B 140 11.81 -12.14 -9.33
CA GLU B 140 10.45 -12.33 -8.85
C GLU B 140 10.35 -13.71 -8.22
N LEU B 141 9.34 -13.89 -7.37
CA LEU B 141 9.16 -15.17 -6.71
C LEU B 141 8.38 -16.13 -7.59
N LYS B 142 8.87 -17.37 -7.69
CA LYS B 142 8.17 -18.45 -8.35
C LYS B 142 8.29 -19.65 -7.42
N GLN B 143 7.16 -20.18 -6.97
N GLN B 143 7.16 -20.18 -6.97
CA GLN B 143 7.12 -21.33 -6.07
CA GLN B 143 7.14 -21.34 -6.07
C GLN B 143 8.00 -21.10 -4.83
C GLN B 143 7.98 -21.10 -4.82
N GLY B 144 7.97 -19.86 -4.33
CA GLY B 144 8.62 -19.54 -3.08
C GLY B 144 10.10 -19.25 -3.13
N SER B 145 10.70 -19.14 -4.33
CA SER B 145 12.10 -18.77 -4.43
C SER B 145 12.26 -17.83 -5.62
N TYR B 146 13.34 -17.05 -5.60
CA TYR B 146 13.51 -15.99 -6.58
C TYR B 146 14.10 -16.51 -7.88
N ILE B 147 13.54 -16.03 -9.00
CA ILE B 147 14.04 -16.30 -10.34
C ILE B 147 14.16 -14.98 -11.09
N ARG B 148 14.96 -14.99 -12.13
CA ARG B 148 15.23 -13.77 -12.87
C ARG B 148 14.03 -13.39 -13.75
N SER B 149 13.64 -12.11 -13.70
CA SER B 149 12.57 -11.58 -14.55
C SER B 149 13.18 -11.04 -15.84
N ILE B 150 13.73 -11.94 -16.64
CA ILE B 150 14.64 -11.52 -17.70
C ILE B 150 13.92 -10.70 -18.78
N GLU B 151 12.68 -11.06 -19.09
N GLU B 151 12.68 -11.07 -19.10
CA GLU B 151 11.97 -10.37 -20.17
CA GLU B 151 11.96 -10.37 -20.16
C GLU B 151 11.50 -8.98 -19.79
C GLU B 151 11.62 -8.93 -19.78
N GLU B 152 11.45 -8.66 -18.49
CA GLU B 152 11.04 -7.34 -18.06
C GLU B 152 12.21 -6.38 -17.93
N GLU B 153 13.45 -6.89 -17.94
CA GLU B 153 14.61 -6.02 -17.82
C GLU B 153 14.72 -5.13 -19.05
N GLY B 154 15.00 -3.85 -18.81
CA GLY B 154 14.99 -2.84 -19.83
C GLY B 154 13.70 -2.06 -19.93
N GLY B 155 12.62 -2.58 -19.34
CA GLY B 155 11.33 -1.93 -19.38
C GLY B 155 10.90 -1.34 -18.05
N VAL B 156 11.55 -1.75 -16.96
CA VAL B 156 11.24 -1.18 -15.66
C VAL B 156 12.00 0.14 -15.49
N MET B 157 11.33 1.14 -14.94
CA MET B 157 11.92 2.44 -14.68
C MET B 157 11.79 2.78 -13.20
N GLY B 158 12.73 3.60 -12.72
CA GLY B 158 12.77 3.97 -11.33
C GLY B 158 12.94 5.48 -11.18
N TRP B 159 12.62 5.95 -9.98
CA TRP B 159 12.73 7.37 -9.66
C TRP B 159 13.13 7.53 -8.20
N LYS B 160 14.20 8.28 -7.96
CA LYS B 160 14.66 8.62 -6.62
C LYS B 160 14.35 10.10 -6.37
N ALA B 161 13.58 10.38 -5.33
CA ALA B 161 13.26 11.77 -5.00
C ALA B 161 14.47 12.50 -4.44
N GLY B 163 17.27 11.74 -3.18
CA GLY B 163 18.25 10.83 -2.61
C GLY B 163 19.06 10.07 -3.65
N GLU B 164 19.89 9.15 -3.19
CA GLU B 164 20.77 8.37 -4.05
C GLU B 164 20.32 6.91 -4.04
N VAL B 165 20.26 6.30 -5.21
CA VAL B 165 19.89 4.89 -5.34
C VAL B 165 20.75 4.33 -6.48
N ASP B 166 21.33 3.16 -6.27
CA ASP B 166 22.16 2.48 -7.27
C ASP B 166 21.23 1.78 -8.26
N PHE B 167 21.11 2.33 -9.46
CA PHE B 167 20.22 1.78 -10.48
C PHE B 167 20.79 0.55 -11.17
N THR B 168 21.97 0.08 -10.74
CA THR B 168 22.50 -1.21 -11.20
C THR B 168 22.29 -2.31 -10.17
N ALA B 169 21.74 -1.99 -9.00
CA ALA B 169 21.50 -3.00 -8.00
C ALA B 169 20.39 -3.93 -8.48
N SER B 170 20.36 -5.12 -7.91
CA SER B 170 19.29 -6.07 -8.23
C SER B 170 18.05 -5.73 -7.43
N LEU B 171 16.88 -5.86 -8.06
CA LEU B 171 15.60 -5.65 -7.39
C LEU B 171 14.88 -6.98 -7.26
N TYR B 172 14.41 -7.27 -6.05
CA TYR B 172 13.64 -8.48 -5.77
C TYR B 172 12.25 -8.04 -5.37
N CYS B 173 11.26 -8.32 -6.22
CA CYS B 173 9.92 -7.79 -5.98
C CYS B 173 9.11 -8.74 -5.11
N ASP B 174 7.98 -8.23 -4.61
CA ASP B 174 7.06 -9.03 -3.83
C ASP B 174 6.08 -9.75 -4.75
N PHE B 175 5.42 -10.77 -4.19
CA PHE B 175 4.69 -11.75 -4.98
C PHE B 175 3.27 -11.30 -5.25
N ARG B 176 2.81 -11.48 -6.49
CA ARG B 176 1.42 -11.21 -6.82
C ARG B 176 1.00 -12.11 -7.98
N GLY B 177 -0.30 -12.06 -8.32
CA GLY B 177 -0.80 -12.78 -9.47
C GLY B 177 -0.47 -12.08 -10.77
N GLY B 178 -0.58 -12.82 -11.87
CA GLY B 178 -0.35 -12.21 -13.16
C GLY B 178 1.09 -11.76 -13.33
N ASP B 179 1.25 -10.59 -13.93
CA ASP B 179 2.60 -10.07 -14.18
C ASP B 179 3.14 -9.45 -12.90
N GLN B 180 4.35 -9.87 -12.50
N GLN B 180 4.36 -9.88 -12.51
CA GLN B 180 4.92 -9.37 -11.26
CA GLN B 180 4.96 -9.39 -11.28
C GLN B 180 5.54 -7.98 -11.41
C GLN B 180 5.45 -7.95 -11.41
N TRP B 181 5.79 -7.55 -12.63
CA TRP B 181 6.25 -6.18 -12.91
C TRP B 181 5.22 -5.52 -13.81
N1A ACO C . -7.79 -5.91 28.26
C2A ACO C . -8.82 -6.75 28.00
N3A ACO C . -9.69 -6.46 27.02
C4A ACO C . -9.54 -5.34 26.30
C5A ACO C . -8.53 -4.50 26.54
C6A ACO C . -7.64 -4.80 27.55
N6A ACO C . -6.49 -4.01 27.94
N7A ACO C . -8.62 -3.47 25.68
C8A ACO C . -9.68 -3.68 24.90
N9A ACO C . -10.26 -4.85 25.30
C1B ACO C . -11.41 -5.47 24.75
C2B ACO C . -12.49 -5.43 25.51
O2B ACO C . -13.41 -6.52 25.09
C3B ACO C . -13.18 -4.09 25.16
O3B ACO C . -14.47 -4.11 25.43
P3B ACO C . -15.02 -3.63 26.92
O7A ACO C . -14.27 -2.37 27.30
O8A ACO C . -16.49 -3.38 26.81
O9A ACO C . -14.70 -4.76 27.88
C4B ACO C . -12.98 -4.09 23.59
O4B ACO C . -11.81 -4.64 23.39
C5B ACO C . -13.02 -2.65 23.04
O5B ACO C . -12.04 -1.89 23.79
P1A ACO C . -11.77 -0.33 23.38
O1A ACO C . -12.17 0.57 24.51
O2A ACO C . -12.37 0.02 22.06
O3A ACO C . -10.13 -0.36 23.22
P2A ACO C . -9.14 0.88 23.60
O4A ACO C . -9.69 2.16 23.06
O5A ACO C . -8.81 0.86 25.06
O6A ACO C . -7.80 0.50 22.74
CBP ACO C . -5.72 -0.63 22.64
CCP ACO C . -7.20 -0.80 22.89
CDP ACO C . -5.53 0.14 21.34
CEP ACO C . -5.08 -2.09 22.48
CAP ACO C . -5.11 0.14 23.82
OAP ACO C . -5.12 -0.67 24.98
C9P ACO C . -3.65 0.57 23.56
O9P ACO C . -3.36 1.51 22.92
N8P ACO C . -2.64 -0.24 24.18
C7P ACO C . -1.20 0.06 24.07
C6P ACO C . -0.66 -0.10 22.63
C5P ACO C . -1.02 -1.51 22.04
O5P ACO C . -0.79 -2.53 22.60
N4P ACO C . -1.65 -1.50 20.74
C3P ACO C . -2.01 -2.76 20.08
C2P ACO C . -0.74 -3.24 19.42
S1P ACO C . -1.10 -4.56 18.21
C ACO C . -1.34 -3.60 16.62
O ACO C . -1.11 -2.46 16.62
CH3 ACO C . -1.79 -4.33 15.36
C1 AKN D . 2.90 -4.51 17.44
C3 AKN D . 2.14 -3.68 16.42
C4 AKN D . 3.09 -2.96 15.53
C5 AKN D . 3.98 -2.05 16.32
C7 AKN D . 4.72 -2.83 17.39
C9 AKN D . 5.48 -1.92 18.30
O6 AKN D . 4.97 -1.46 15.47
O2 AKN D . 3.60 -5.47 16.74
O8 AKN D . 3.81 -3.62 18.22
N10 AKN D . 6.06 -2.69 19.39
C11 AKN D . 5.70 -8.96 17.96
N12 AKN D . 6.79 -9.79 18.47
C13 AKN D . 6.27 -8.08 16.85
C14 AKN D . 5.19 -7.13 16.31
N15 AKN D . 5.74 -6.28 15.24
C16 AKN D . 4.58 -6.28 17.42
C17 AKN D . 3.99 -7.19 18.50
O18 AKN D . 3.47 -6.47 19.59
C19 AKN D . 5.06 -8.14 19.09
O20 AKN D . 4.39 -9.00 20.00
C21 AKN D . 5.16 -9.39 21.09
C22 AKN D . 4.49 -10.54 21.81
O23 AKN D . 4.24 -11.59 20.86
C24 AKN D . 3.21 -10.10 22.45
N25 AKN D . 2.58 -11.27 23.15
C26 AKN D . 3.47 -8.98 23.42
O27 AKN D . 2.25 -8.53 24.01
C28 AKN D . 4.13 -7.81 22.69
O29 AKN D . 5.37 -8.22 22.01
C30 AKN D . 4.46 -6.69 23.65
O31 AKN D . 5.26 -7.22 24.69
O32 AKN D . 1.32 -4.57 15.65
O33 AKN D . 2.31 -2.19 14.59
N37 AKN D . 8.14 -14.11 22.20
C35 AKN D . 6.70 -11.25 18.42
O36 AKN D . 5.74 -11.80 17.96
C37 AKN D . 7.87 -12.04 18.95
C38 AKN D . 7.41 -12.78 20.24
C39 AKN D . 8.64 -13.35 21.00
O40 AKN D . 8.87 -11.14 19.29
N1A ACO E . 4.78 9.41 -28.05
C2A ACO E . 5.88 10.17 -27.86
N3A ACO E . 5.97 10.99 -26.79
C4A ACO E . 4.96 11.04 -25.92
C5A ACO E . 3.87 10.30 -26.09
C6A ACO E . 3.79 9.47 -27.19
N6A ACO E . 2.66 8.60 -27.51
N7A ACO E . 3.03 10.54 -25.08
C8A ACO E . 3.60 11.44 -24.28
N9A ACO E . 4.80 11.75 -24.80
C1B ACO E . 5.74 12.66 -24.25
C2B ACO E . 5.84 13.79 -24.97
O2B ACO E . 7.22 14.29 -24.83
C3B ACO E . 4.86 14.76 -24.29
O3B ACO E . 5.22 16.02 -24.48
P3B ACO E . 4.63 16.85 -25.77
O7A ACO E . 4.76 18.33 -25.49
O8A ACO E . 5.42 16.51 -27.00
O9A ACO E . 3.17 16.48 -25.96
C4B ACO E . 5.06 14.41 -22.76
O4B ACO E . 5.27 13.12 -22.73
C5B ACO E . 3.76 14.75 -21.99
O5B ACO E . 2.69 14.12 -22.71
P1A ACO E . 1.20 14.22 -22.06
O1A ACO E . 0.27 14.97 -22.98
O2A ACO E . 1.28 14.78 -20.66
O3A ACO E . 0.73 12.65 -21.95
P2A ACO E . -0.76 12.07 -22.32
O4A ACO E . -1.82 12.86 -21.63
O5A ACO E . -0.95 11.99 -23.81
O6A ACO E . -0.72 10.57 -21.65
CBP ACO E . -0.11 8.28 -21.82
CCP ACO E . 0.40 9.70 -21.97
CDP ACO E . -0.83 8.18 -20.47
CEP ACO E . 1.09 7.24 -21.85
CAP ACO E . -1.11 8.02 -22.97
OAP ACO E . -0.43 7.94 -24.18
C9P ACO E . -1.87 6.70 -22.82
O9P ACO E . -2.83 6.60 -22.13
N8P ACO E . -1.39 5.60 -23.61
C7P ACO E . -2.05 4.29 -23.62
C6P ACO E . -1.96 3.62 -22.23
C5P ACO E . -0.45 3.51 -21.79
O5P ACO E . 0.39 3.07 -22.55
N4P ACO E . -0.12 3.97 -20.44
C3P ACO E . 1.24 3.91 -19.91
C2P ACO E . 1.44 2.46 -19.52
S1P ACO E . 2.94 2.31 -18.49
C ACO E . 2.34 2.70 -16.76
O ACO E . 1.20 2.88 -16.58
CH3 ACO E . 3.32 2.78 -15.61
C1 AKN F . 1.90 -1.50 -18.10
C3 AKN F . 1.43 -0.72 -16.88
C4 AKN F . 0.55 -1.57 -16.03
C5 AKN F . -0.63 -2.09 -16.80
C7 AKN F . -0.21 -2.85 -18.06
C9 AKN F . -1.40 -3.17 -18.90
O6 AKN F . -1.40 -2.97 -15.97
O2 AKN F . 2.69 -2.52 -17.62
O8 AKN F . 0.73 -2.04 -18.86
N10 AKN F . -0.97 -3.80 -20.14
C11 AKN F . 5.33 -5.22 -19.55
N12 AKN F . 5.81 -6.39 -20.30
C13 AKN F . 4.38 -5.73 -18.46
C14 AKN F . 3.86 -4.53 -17.65
N15 AKN F . 2.99 -5.01 -16.58
C16 AKN F . 3.14 -3.53 -18.54
C17 AKN F . 4.11 -3.05 -19.64
O18 AKN F . 3.52 -2.12 -20.54
C19 AKN F . 4.63 -4.24 -20.48
O20 AKN F . 5.56 -3.72 -21.41
C21 AKN F . 5.62 -4.36 -22.63
C22 AKN F . 6.83 -3.86 -23.39
O23 AKN F . 7.98 -3.97 -22.54
C24 AKN F . 6.67 -2.44 -23.85
N25 AKN F . 7.84 -2.01 -24.67
C26 AKN F . 5.40 -2.28 -24.67
O27 AKN F . 5.21 -0.91 -25.05
C28 AKN F . 4.21 -2.72 -23.83
O29 AKN F . 4.35 -4.13 -23.41
C30 AKN F . 2.94 -2.54 -24.61
O31 AKN F . 2.94 -3.41 -25.72
O32 AKN F . 2.60 -0.30 -16.16
O33 AKN F . 0.09 -0.80 -14.89
N37 AKN F . 9.42 -8.18 -24.59
C35 AKN F . 7.24 -6.69 -20.39
O36 AKN F . 8.06 -6.01 -19.87
C37 AKN F . 7.66 -7.92 -21.20
C38 AKN F . 8.23 -7.43 -22.56
C39 AKN F . 8.90 -8.64 -23.27
O40 AKN F . 6.54 -8.68 -21.41
#